data_1CPS
#
_entry.id   1CPS
#
_cell.length_a   51.700
_cell.length_b   60.400
_cell.length_c   47.200
_cell.angle_alpha   90.00
_cell.angle_beta   97.40
_cell.angle_gamma   90.00
#
_symmetry.space_group_name_H-M   'P 1 21 1'
#
loop_
_entity.id
_entity.type
_entity.pdbx_description
1 polymer 'CARBOXYPEPTIDASE A'
2 non-polymer 'ZINC ION'
3 non-polymer S-(2-CARBOXY-3-PHENYLPROPYL)THIODIIMINE-S-METHANE
4 water water
#
_entity_poly.entity_id   1
_entity_poly.type   'polypeptide(L)'
_entity_poly.pdbx_seq_one_letter_code
;ARSTNTFNYATYHTLDEIYDFMDLLVAEHPQLVSKLQIGRSYEGRPIYVLKFSTGGSNRPAIWIDLGIHSREWITQATGV
WFAKKFTENYGQNPSFTAILDSMDIFLEIVTNPNGFAFTHSENRLWRKTRSVTSSSLCVGVDANRNWDAGFGKAGASSSP
CSETYHGKYANSEVEVKSIVDFVKNHGNFKAFLSIHSYSQLLLYPYGYTTQSIPDKTELNQVAKSAVAALKSLYGTSYKY
GSIITTIYQASGGSIDWSYNQGIKYSFTFELRDTGRYGFLLPASQIIPTAQETWLGVLTIMEHTVNN
;
_entity_poly.pdbx_strand_id   A
#
# COMPACT_ATOMS: atom_id res chain seq x y z
N ALA A 1 -2.40 -22.12 8.05
CA ALA A 1 -2.53 -23.15 6.98
C ALA A 1 -3.96 -23.66 6.84
N ARG A 2 -4.42 -24.21 7.99
CA ARG A 2 -5.79 -24.75 8.04
C ARG A 2 -6.78 -23.65 8.43
N SER A 3 -6.36 -22.71 9.23
CA SER A 3 -7.20 -21.59 9.68
C SER A 3 -6.27 -20.38 9.80
N THR A 4 -6.89 -19.22 9.94
CA THR A 4 -6.10 -17.96 10.06
C THR A 4 -5.45 -17.90 11.44
N ASN A 5 -5.84 -18.76 12.34
CA ASN A 5 -5.23 -18.75 13.72
C ASN A 5 -3.94 -19.57 13.76
N THR A 6 -3.80 -20.37 12.72
CA THR A 6 -2.65 -21.25 12.54
C THR A 6 -1.56 -20.68 11.64
N PHE A 7 -1.98 -19.71 10.82
CA PHE A 7 -1.06 -19.06 9.89
C PHE A 7 0.06 -18.41 10.68
N ASN A 8 1.28 -18.59 10.20
CA ASN A 8 2.47 -18.03 10.86
C ASN A 8 2.74 -16.62 10.34
N TYR A 9 2.32 -15.66 11.16
CA TYR A 9 2.50 -14.23 10.84
C TYR A 9 3.91 -13.74 11.07
N ALA A 10 4.70 -14.56 11.70
CA ALA A 10 6.11 -14.25 11.99
C ALA A 10 7.14 -14.67 10.96
N THR A 11 6.67 -15.04 9.81
CA THR A 11 7.57 -15.48 8.71
C THR A 11 7.08 -14.87 7.39
N TYR A 12 7.97 -14.94 6.40
CA TYR A 12 7.68 -14.41 5.03
C TYR A 12 7.07 -15.62 4.27
N HIS A 13 6.07 -15.31 3.46
CA HIS A 13 5.34 -16.31 2.66
C HIS A 13 5.38 -16.06 1.21
N THR A 14 5.01 -17.14 0.48
CA THR A 14 4.96 -17.13 -1.02
C THR A 14 3.63 -16.64 -1.45
N LEU A 15 3.47 -16.42 -2.72
CA LEU A 15 2.26 -15.90 -3.33
C LEU A 15 1.04 -16.72 -3.06
N ASP A 16 1.20 -18.04 -3.27
CA ASP A 16 0.19 -19.05 -3.03
C ASP A 16 -0.37 -19.02 -1.59
N GLU A 17 0.55 -18.97 -0.65
CA GLU A 17 0.24 -18.89 0.76
C GLU A 17 -0.66 -17.71 1.13
N ILE A 18 -0.30 -16.54 0.65
CA ILE A 18 -1.03 -15.32 0.92
C ILE A 18 -2.44 -15.44 0.29
N TYR A 19 -2.47 -16.03 -0.91
CA TYR A 19 -3.72 -16.18 -1.64
C TYR A 19 -4.66 -17.16 -0.88
N ASP A 20 -4.07 -18.24 -0.44
CA ASP A 20 -4.79 -19.27 0.33
C ASP A 20 -5.31 -18.62 1.61
N PHE A 21 -4.42 -17.77 2.21
CA PHE A 21 -4.75 -17.05 3.45
C PHE A 21 -6.00 -16.21 3.26
N MET A 22 -6.06 -15.61 2.09
CA MET A 22 -7.21 -14.78 1.66
C MET A 22 -8.54 -15.54 1.77
N ASP A 23 -8.54 -16.72 1.25
CA ASP A 23 -9.73 -17.57 1.24
C ASP A 23 -10.09 -18.03 2.65
N LEU A 24 -9.11 -18.34 3.50
CA LEU A 24 -9.39 -18.78 4.87
C LEU A 24 -10.15 -17.66 5.58
N LEU A 25 -9.59 -16.47 5.49
CA LEU A 25 -10.12 -15.28 6.11
C LEU A 25 -11.58 -15.03 5.74
N VAL A 26 -11.88 -15.17 4.43
CA VAL A 26 -13.26 -14.95 3.92
C VAL A 26 -14.16 -16.06 4.47
N ALA A 27 -13.67 -17.26 4.50
CA ALA A 27 -14.41 -18.42 4.99
C ALA A 27 -14.76 -18.23 6.45
N GLU A 28 -13.84 -17.73 7.23
CA GLU A 28 -13.99 -17.48 8.69
C GLU A 28 -14.82 -16.28 9.09
N HIS A 29 -14.94 -15.26 8.28
CA HIS A 29 -15.68 -14.05 8.65
C HIS A 29 -16.43 -13.57 7.40
N PRO A 30 -17.26 -14.41 6.88
CA PRO A 30 -18.03 -14.16 5.66
C PRO A 30 -18.86 -12.91 5.62
N GLN A 31 -19.35 -12.52 6.80
CA GLN A 31 -20.14 -11.27 6.94
C GLN A 31 -19.35 -10.01 7.06
N LEU A 32 -18.05 -10.13 7.16
CA LEU A 32 -17.19 -8.92 7.24
C LEU A 32 -16.20 -8.71 6.13
N VAL A 33 -15.70 -9.72 5.56
CA VAL A 33 -14.71 -9.66 4.45
C VAL A 33 -15.17 -10.44 3.25
N SER A 34 -14.89 -9.82 2.08
CA SER A 34 -15.23 -10.35 0.77
C SER A 34 -13.92 -10.17 -0.06
N LYS A 35 -13.71 -11.15 -0.97
CA LYS A 35 -12.52 -11.09 -1.84
C LYS A 35 -12.98 -10.74 -3.26
N LEU A 36 -12.43 -9.58 -3.73
CA LEU A 36 -12.74 -9.05 -5.04
C LEU A 36 -11.49 -9.14 -5.90
N GLN A 37 -11.72 -9.36 -7.18
CA GLN A 37 -10.67 -9.47 -8.22
C GLN A 37 -10.88 -8.23 -9.12
N ILE A 38 -10.02 -7.30 -9.02
CA ILE A 38 -10.08 -6.06 -9.83
C ILE A 38 -9.26 -6.14 -11.10
N GLY A 39 -8.59 -7.25 -11.29
CA GLY A 39 -7.80 -7.48 -12.52
C GLY A 39 -6.92 -8.75 -12.53
N ARG A 40 -6.13 -8.80 -13.55
CA ARG A 40 -5.17 -9.90 -13.84
C ARG A 40 -3.84 -9.17 -14.13
N SER A 41 -2.82 -9.69 -13.53
CA SER A 41 -1.47 -9.18 -13.64
C SER A 41 -0.97 -9.42 -15.10
N TYR A 42 0.18 -8.79 -15.33
CA TYR A 42 0.79 -8.90 -16.70
C TYR A 42 0.91 -10.37 -17.13
N GLU A 43 1.28 -11.24 -16.22
CA GLU A 43 1.46 -12.66 -16.41
C GLU A 43 0.23 -13.49 -16.10
N GLY A 44 -0.93 -12.79 -16.09
CA GLY A 44 -2.20 -13.32 -15.85
C GLY A 44 -2.62 -13.72 -14.47
N ARG A 45 -1.90 -13.37 -13.44
CA ARG A 45 -2.22 -13.70 -12.02
C ARG A 45 -3.31 -12.79 -11.56
N PRO A 46 -4.27 -13.32 -10.87
CA PRO A 46 -5.45 -12.61 -10.32
C PRO A 46 -4.88 -11.49 -9.41
N ILE A 47 -5.57 -10.37 -9.46
CA ILE A 47 -5.24 -9.18 -8.63
C ILE A 47 -6.42 -9.09 -7.70
N TYR A 48 -6.11 -9.34 -6.44
CA TYR A 48 -7.19 -9.31 -5.41
C TYR A 48 -7.08 -8.24 -4.34
N VAL A 49 -8.26 -7.79 -4.02
CA VAL A 49 -8.58 -6.76 -2.99
C VAL A 49 -9.55 -7.44 -2.04
N LEU A 50 -9.28 -7.19 -0.73
CA LEU A 50 -10.06 -7.75 0.35
C LEU A 50 -10.88 -6.52 0.86
N LYS A 51 -12.21 -6.75 0.86
CA LYS A 51 -13.14 -5.73 1.28
C LYS A 51 -13.74 -6.04 2.65
N PHE A 52 -13.48 -5.16 3.61
CA PHE A 52 -13.95 -5.26 4.97
C PHE A 52 -15.14 -4.30 5.02
N SER A 53 -16.30 -4.79 5.36
CA SER A 53 -17.52 -3.99 5.45
C SER A 53 -18.55 -4.62 6.39
N THR A 54 -19.31 -3.72 7.04
CA THR A 54 -20.38 -4.06 7.96
C THR A 54 -21.78 -3.86 7.34
N GLY A 55 -21.76 -3.40 6.09
CA GLY A 55 -22.95 -3.16 5.27
C GLY A 55 -22.86 -1.83 4.52
N GLY A 56 -24.05 -1.29 4.29
CA GLY A 56 -24.22 -0.01 3.63
C GLY A 56 -24.12 -0.28 2.08
N SER A 57 -24.44 0.75 1.36
CA SER A 57 -24.43 0.70 -0.11
C SER A 57 -23.05 0.93 -0.75
N ASN A 58 -22.62 2.17 -0.61
CA ASN A 58 -21.32 2.61 -1.17
C ASN A 58 -20.83 3.66 -0.12
N ARG A 59 -20.44 3.13 1.00
CA ARG A 59 -19.93 3.88 2.12
C ARG A 59 -18.59 4.46 1.78
N PRO A 60 -18.27 5.55 2.44
CA PRO A 60 -16.96 6.27 2.26
C PRO A 60 -15.97 5.12 2.58
N ALA A 61 -14.93 5.03 1.80
CA ALA A 61 -13.93 3.96 2.08
C ALA A 61 -12.52 4.42 2.20
N ILE A 62 -11.70 3.45 2.67
CA ILE A 62 -10.30 3.61 2.91
C ILE A 62 -9.53 2.66 1.94
N TRP A 63 -8.60 3.22 1.25
CA TRP A 63 -7.79 2.46 0.29
C TRP A 63 -6.40 2.20 0.91
N ILE A 64 -5.99 0.95 0.80
CA ILE A 64 -4.67 0.52 1.34
C ILE A 64 -4.07 -0.53 0.37
N ASP A 65 -2.91 -0.16 -0.14
CA ASP A 65 -2.19 -1.09 -1.07
C ASP A 65 -0.79 -1.28 -0.45
N LEU A 66 -0.29 -2.51 -0.64
CA LEU A 66 1.04 -2.93 -0.15
C LEU A 66 1.70 -3.75 -1.26
N GLY A 67 2.98 -3.83 -1.18
CA GLY A 67 3.85 -4.54 -2.17
C GLY A 67 3.87 -4.10 -3.59
N ILE A 68 3.64 -2.82 -3.84
CA ILE A 68 3.66 -2.31 -5.25
C ILE A 68 5.08 -2.57 -5.77
N HIS A 69 6.00 -2.44 -4.84
CA HIS A 69 7.47 -2.66 -5.11
C HIS A 69 7.71 -4.00 -4.47
N SER A 70 7.79 -5.04 -5.31
CA SER A 70 7.98 -6.42 -4.96
C SER A 70 8.93 -6.85 -3.89
N ARG A 71 10.14 -6.27 -3.90
CA ARG A 71 11.19 -6.61 -2.90
C ARG A 71 10.95 -6.18 -1.47
N GLU A 72 10.06 -5.30 -1.25
CA GLU A 72 9.71 -4.73 0.03
C GLU A 72 8.75 -5.60 0.78
N TRP A 73 9.22 -6.85 1.02
CA TRP A 73 8.51 -7.93 1.70
C TRP A 73 7.79 -7.62 3.01
N ILE A 74 8.35 -6.69 3.75
CA ILE A 74 7.75 -6.32 5.06
C ILE A 74 6.31 -5.81 4.85
N THR A 75 6.04 -5.21 3.72
CA THR A 75 4.72 -4.68 3.39
C THR A 75 3.69 -5.75 3.13
N GLN A 76 4.00 -6.80 2.38
CA GLN A 76 3.09 -7.88 2.11
C GLN A 76 2.83 -8.59 3.44
N ALA A 77 3.89 -8.69 4.21
CA ALA A 77 3.83 -9.31 5.55
C ALA A 77 2.91 -8.54 6.47
N THR A 78 3.07 -7.27 6.46
CA THR A 78 2.29 -6.35 7.32
C THR A 78 0.81 -6.36 6.83
N GLY A 79 0.69 -6.59 5.53
CA GLY A 79 -0.55 -6.67 4.81
C GLY A 79 -1.49 -7.76 5.35
N VAL A 80 -0.92 -8.94 5.40
CA VAL A 80 -1.63 -10.14 5.91
C VAL A 80 -2.00 -9.96 7.41
N TRP A 81 -1.12 -9.30 8.11
CA TRP A 81 -1.27 -9.05 9.58
C TRP A 81 -2.52 -8.19 9.83
N PHE A 82 -2.59 -7.12 9.03
CA PHE A 82 -3.65 -6.11 9.07
C PHE A 82 -5.03 -6.71 8.84
N ALA A 83 -5.10 -7.58 7.85
CA ALA A 83 -6.28 -8.30 7.41
C ALA A 83 -6.89 -9.13 8.56
N LYS A 84 -5.95 -9.78 9.29
CA LYS A 84 -6.37 -10.62 10.46
C LYS A 84 -6.78 -9.68 11.55
N LYS A 85 -5.97 -8.64 11.79
CA LYS A 85 -6.20 -7.60 12.78
C LYS A 85 -7.60 -6.97 12.66
N PHE A 86 -7.99 -6.73 11.42
CA PHE A 86 -9.32 -6.13 11.15
C PHE A 86 -10.46 -7.02 11.66
N THR A 87 -10.34 -8.30 11.44
CA THR A 87 -11.32 -9.24 11.91
C THR A 87 -11.34 -9.46 13.43
N GLU A 88 -10.17 -9.28 14.03
CA GLU A 88 -9.97 -9.42 15.46
C GLU A 88 -10.44 -8.25 16.26
N ASN A 89 -10.07 -7.04 15.85
CA ASN A 89 -10.41 -5.77 16.48
C ASN A 89 -11.81 -5.29 16.29
N TYR A 90 -12.54 -5.83 15.32
CA TYR A 90 -13.95 -5.44 15.12
C TYR A 90 -14.76 -5.92 16.31
N GLY A 91 -15.38 -5.01 17.01
CA GLY A 91 -16.21 -5.31 18.17
C GLY A 91 -15.47 -5.39 19.48
N GLN A 92 -14.16 -5.30 19.47
CA GLN A 92 -13.33 -5.35 20.70
C GLN A 92 -12.73 -3.99 20.97
N ASN A 93 -12.20 -3.36 19.90
CA ASN A 93 -11.55 -2.05 19.97
C ASN A 93 -12.59 -1.01 19.64
N PRO A 94 -12.99 -0.22 20.62
CA PRO A 94 -14.00 0.81 20.47
C PRO A 94 -13.77 1.72 19.29
N SER A 95 -12.55 2.14 19.02
CA SER A 95 -12.22 3.03 17.94
C SER A 95 -12.32 2.39 16.54
N PHE A 96 -11.70 1.22 16.40
CA PHE A 96 -11.74 0.52 15.07
C PHE A 96 -13.18 0.16 14.72
N THR A 97 -13.93 -0.31 15.70
CA THR A 97 -15.33 -0.73 15.46
C THR A 97 -16.08 0.51 14.96
N ALA A 98 -15.81 1.67 15.54
CA ALA A 98 -16.50 2.91 15.11
C ALA A 98 -16.25 3.17 13.62
N ILE A 99 -15.05 2.91 13.19
CA ILE A 99 -14.61 3.12 11.82
C ILE A 99 -15.38 2.19 10.90
N LEU A 100 -15.33 0.91 11.08
CA LEU A 100 -16.01 -0.12 10.24
C LEU A 100 -17.54 0.00 10.23
N ASP A 101 -18.09 0.57 11.28
CA ASP A 101 -19.56 0.76 11.39
C ASP A 101 -20.01 1.81 10.40
N SER A 102 -19.12 2.66 9.95
CA SER A 102 -19.39 3.70 8.98
C SER A 102 -18.65 3.81 7.66
N MET A 103 -17.52 3.15 7.59
CA MET A 103 -16.67 3.12 6.37
C MET A 103 -16.20 1.71 6.06
N ASP A 104 -15.90 1.51 4.81
CA ASP A 104 -15.39 0.23 4.29
C ASP A 104 -13.87 0.35 4.08
N ILE A 105 -13.18 -0.77 4.12
CA ILE A 105 -11.76 -0.81 3.94
C ILE A 105 -11.40 -1.76 2.77
N PHE A 106 -10.65 -1.21 1.84
CA PHE A 106 -10.23 -1.96 0.63
C PHE A 106 -8.73 -2.19 0.86
N LEU A 107 -8.33 -3.41 0.95
CA LEU A 107 -6.94 -3.81 1.19
C LEU A 107 -6.38 -4.73 0.15
N GLU A 108 -5.39 -4.23 -0.53
CA GLU A 108 -4.66 -4.96 -1.57
C GLU A 108 -3.30 -5.35 -1.06
N ILE A 109 -3.10 -6.57 -0.66
CA ILE A 109 -1.88 -7.09 -0.09
C ILE A 109 -0.72 -7.29 -1.09
N VAL A 110 -1.05 -7.80 -2.25
CA VAL A 110 -0.01 -8.07 -3.28
C VAL A 110 -0.42 -7.30 -4.53
N THR A 111 0.00 -6.02 -4.50
CA THR A 111 -0.27 -5.08 -5.64
C THR A 111 0.51 -5.47 -6.88
N ASN A 112 1.63 -6.10 -6.73
CA ASN A 112 2.45 -6.55 -7.85
C ASN A 112 2.84 -8.03 -7.70
N PRO A 113 1.93 -8.85 -8.03
CA PRO A 113 2.07 -10.33 -7.96
C PRO A 113 3.15 -10.86 -8.82
N ASN A 114 3.32 -10.37 -10.02
CA ASN A 114 4.39 -10.86 -10.94
C ASN A 114 5.76 -10.69 -10.39
N GLY A 115 6.03 -9.50 -9.91
CA GLY A 115 7.36 -9.13 -9.31
C GLY A 115 7.58 -9.90 -8.02
N PHE A 116 6.48 -10.08 -7.28
CA PHE A 116 6.55 -10.80 -6.00
C PHE A 116 7.00 -12.21 -6.20
N ALA A 117 6.41 -12.87 -7.17
CA ALA A 117 6.71 -14.28 -7.55
C ALA A 117 8.17 -14.34 -8.00
N PHE A 118 8.61 -13.33 -8.72
CA PHE A 118 9.96 -13.23 -9.21
C PHE A 118 10.99 -13.09 -8.06
N THR A 119 10.56 -12.38 -7.03
CA THR A 119 11.49 -12.15 -5.87
C THR A 119 11.66 -13.47 -5.14
N HIS A 120 10.73 -14.41 -5.31
CA HIS A 120 10.79 -15.74 -4.68
C HIS A 120 11.57 -16.74 -5.54
N SER A 121 11.29 -16.67 -6.84
CA SER A 121 11.90 -17.57 -7.81
C SER A 121 13.25 -17.23 -8.41
N GLU A 122 13.52 -15.98 -8.70
CA GLU A 122 14.81 -15.62 -9.27
C GLU A 122 15.67 -14.47 -8.75
N ASN A 123 15.03 -13.36 -8.38
CA ASN A 123 15.78 -12.19 -7.85
C ASN A 123 15.02 -11.54 -6.71
N ARG A 124 15.55 -11.72 -5.53
CA ARG A 124 15.00 -11.23 -4.27
C ARG A 124 14.87 -9.71 -4.21
N LEU A 125 15.74 -9.01 -4.94
CA LEU A 125 15.71 -7.54 -5.01
C LEU A 125 14.95 -6.92 -6.16
N TRP A 126 14.08 -7.68 -6.81
CA TRP A 126 13.31 -7.20 -7.97
C TRP A 126 12.18 -6.30 -7.40
N ARG A 127 12.00 -5.18 -8.08
CA ARG A 127 10.99 -4.17 -7.63
C ARG A 127 9.96 -3.74 -8.67
N LYS A 128 10.23 -3.91 -9.94
CA LYS A 128 9.33 -3.54 -10.97
C LYS A 128 8.35 -4.63 -11.32
N THR A 129 7.49 -4.37 -12.31
CA THR A 129 6.47 -5.31 -12.78
C THR A 129 7.27 -6.23 -13.69
N ARG A 130 6.61 -7.07 -14.46
CA ARG A 130 7.29 -7.96 -15.35
C ARG A 130 6.86 -7.87 -16.82
N SER A 131 6.33 -6.71 -17.14
CA SER A 131 5.82 -6.41 -18.47
C SER A 131 7.06 -6.31 -19.38
N VAL A 132 6.84 -6.71 -20.65
CA VAL A 132 7.90 -6.75 -21.64
C VAL A 132 7.48 -5.92 -22.84
N THR A 133 8.32 -5.90 -23.89
CA THR A 133 8.17 -5.21 -25.10
C THR A 133 8.80 -3.81 -25.26
N SER A 134 9.11 -3.52 -26.51
CA SER A 134 9.73 -2.27 -26.95
C SER A 134 11.00 -2.58 -27.69
N SER A 135 11.88 -1.64 -27.63
CA SER A 135 13.22 -1.73 -28.24
C SER A 135 14.14 -1.91 -27.08
N SER A 136 13.78 -2.87 -26.22
CA SER A 136 14.55 -3.21 -25.01
C SER A 136 14.39 -4.67 -24.63
N LEU A 137 15.49 -5.18 -24.05
CA LEU A 137 15.58 -6.58 -23.58
C LEU A 137 15.39 -6.55 -22.06
N CYS A 138 15.08 -5.35 -21.58
CA CYS A 138 14.85 -5.11 -20.14
C CYS A 138 13.39 -5.29 -19.91
N VAL A 139 13.06 -5.77 -18.78
CA VAL A 139 11.64 -6.04 -18.41
C VAL A 139 11.22 -5.22 -17.21
N GLY A 140 9.91 -4.88 -17.20
CA GLY A 140 9.26 -4.13 -16.19
C GLY A 140 9.35 -2.66 -16.11
N VAL A 141 8.41 -2.05 -15.36
CA VAL A 141 8.24 -0.67 -15.05
C VAL A 141 8.10 -0.53 -13.52
N ASP A 142 8.46 0.68 -13.13
CA ASP A 142 8.43 1.07 -11.67
C ASP A 142 6.92 1.48 -11.63
N ALA A 143 6.16 0.61 -10.91
CA ALA A 143 4.73 0.84 -10.78
C ALA A 143 4.40 2.14 -10.04
N ASN A 144 5.26 2.60 -9.18
CA ASN A 144 5.02 3.80 -8.40
C ASN A 144 5.47 5.07 -9.18
N ARG A 145 5.66 4.90 -10.47
CA ARG A 145 6.07 5.98 -11.36
C ARG A 145 5.30 6.01 -12.68
N ASN A 146 4.29 5.09 -12.71
CA ASN A 146 3.41 4.90 -13.85
C ASN A 146 2.08 5.64 -13.75
N TRP A 147 1.83 6.27 -12.65
CA TRP A 147 0.60 7.02 -12.39
C TRP A 147 0.65 8.38 -13.09
N ASP A 148 -0.56 8.82 -13.43
CA ASP A 148 -0.87 10.07 -14.16
C ASP A 148 -0.83 11.20 -13.10
N ALA A 149 0.30 11.45 -12.64
CA ALA A 149 0.61 12.52 -11.66
C ALA A 149 2.02 12.97 -12.02
N GLY A 150 2.06 13.95 -12.89
CA GLY A 150 3.29 14.52 -13.42
C GLY A 150 4.12 13.42 -14.09
N PHE A 151 3.39 12.53 -14.73
CA PHE A 151 3.92 11.37 -15.46
C PHE A 151 4.97 11.86 -16.50
N GLY A 152 6.11 11.22 -16.40
CA GLY A 152 7.25 11.50 -17.30
C GLY A 152 8.07 12.72 -16.90
N LYS A 153 7.66 13.43 -15.91
CA LYS A 153 8.38 14.63 -15.43
C LYS A 153 9.63 14.10 -14.70
N ALA A 154 10.52 15.03 -14.33
CA ALA A 154 11.77 14.70 -13.65
C ALA A 154 11.44 13.92 -12.40
N GLY A 155 12.24 12.88 -12.15
CA GLY A 155 12.05 12.01 -10.97
C GLY A 155 11.60 10.64 -11.39
N ALA A 156 11.84 10.31 -12.61
CA ALA A 156 11.45 9.03 -13.24
C ALA A 156 12.33 8.89 -14.50
N SER A 157 12.61 7.67 -14.87
CA SER A 157 13.45 7.42 -16.10
C SER A 157 12.61 6.87 -17.27
N SER A 158 13.03 7.37 -18.43
CA SER A 158 12.41 7.01 -19.75
C SER A 158 13.12 5.80 -20.30
N SER A 159 14.09 5.30 -19.61
CA SER A 159 14.89 4.14 -20.02
C SER A 159 14.28 2.88 -19.36
N PRO A 160 13.87 1.94 -20.22
CA PRO A 160 13.26 0.70 -19.78
C PRO A 160 14.15 -0.13 -18.90
N CYS A 161 15.45 -0.08 -19.08
CA CYS A 161 16.40 -0.85 -18.29
C CYS A 161 16.60 -0.31 -16.86
N SER A 162 16.18 0.92 -16.69
CA SER A 162 16.23 1.64 -15.42
C SER A 162 15.33 1.10 -14.39
N GLU A 163 15.80 1.21 -13.12
CA GLU A 163 15.07 0.74 -11.96
C GLU A 163 13.82 1.59 -11.72
N THR A 164 13.88 2.87 -12.20
CA THR A 164 12.77 3.80 -12.01
C THR A 164 12.07 4.11 -13.36
N TYR A 165 12.04 3.08 -14.23
CA TYR A 165 11.39 3.24 -15.51
C TYR A 165 9.88 3.49 -15.25
N HIS A 166 9.38 4.56 -15.87
CA HIS A 166 8.01 4.99 -15.73
C HIS A 166 6.98 4.28 -16.64
N GLY A 167 7.46 3.58 -17.61
CA GLY A 167 6.64 2.87 -18.56
C GLY A 167 6.39 3.74 -19.80
N LYS A 168 5.74 3.13 -20.80
CA LYS A 168 5.43 3.81 -22.07
C LYS A 168 4.53 5.01 -21.96
N TYR A 169 3.51 4.90 -21.14
CA TYR A 169 2.56 6.00 -20.89
C TYR A 169 1.93 5.80 -19.54
N ALA A 170 1.29 6.81 -19.07
CA ALA A 170 0.60 6.74 -17.74
C ALA A 170 -0.44 5.62 -17.85
N ASN A 171 -0.45 4.79 -16.80
CA ASN A 171 -1.36 3.65 -16.69
C ASN A 171 -1.14 2.53 -17.64
N SER A 172 0.06 2.46 -18.18
CA SER A 172 0.39 1.39 -19.15
C SER A 172 0.39 0.01 -18.48
N GLU A 173 0.68 0.00 -17.18
CA GLU A 173 0.74 -1.22 -16.38
C GLU A 173 -0.63 -1.52 -15.79
N VAL A 174 -1.06 -2.78 -16.10
CA VAL A 174 -2.34 -3.29 -15.64
C VAL A 174 -2.56 -3.23 -14.14
N GLU A 175 -1.48 -3.52 -13.41
CA GLU A 175 -1.54 -3.52 -11.95
C GLU A 175 -1.93 -2.18 -11.40
N VAL A 176 -1.55 -1.10 -12.14
CA VAL A 176 -1.80 0.27 -11.86
C VAL A 176 -3.26 0.64 -12.34
N LYS A 177 -3.45 0.38 -13.62
CA LYS A 177 -4.71 0.65 -14.30
C LYS A 177 -5.91 -0.01 -13.58
N SER A 178 -5.66 -1.22 -13.10
CA SER A 178 -6.69 -1.95 -12.37
C SER A 178 -7.16 -1.19 -11.13
N ILE A 179 -6.25 -0.45 -10.48
CA ILE A 179 -6.59 0.31 -9.30
C ILE A 179 -7.32 1.58 -9.69
N VAL A 180 -6.80 2.31 -10.59
CA VAL A 180 -7.34 3.55 -11.13
C VAL A 180 -8.84 3.42 -11.45
N ASP A 181 -9.12 2.42 -12.26
CA ASP A 181 -10.50 2.13 -12.70
C ASP A 181 -11.37 1.78 -11.50
N PHE A 182 -10.82 0.93 -10.64
CA PHE A 182 -11.53 0.50 -9.42
C PHE A 182 -11.92 1.75 -8.59
N VAL A 183 -10.94 2.52 -8.23
CA VAL A 183 -11.10 3.73 -7.43
C VAL A 183 -11.98 4.81 -8.08
N LYS A 184 -11.77 4.97 -9.43
CA LYS A 184 -12.56 5.99 -10.16
C LYS A 184 -14.03 5.55 -10.15
N ASN A 185 -14.28 4.27 -10.39
CA ASN A 185 -15.59 3.70 -10.43
C ASN A 185 -16.32 3.75 -9.07
N HIS A 186 -15.54 3.54 -8.02
CA HIS A 186 -16.11 3.54 -6.69
C HIS A 186 -16.61 4.98 -6.39
N GLY A 187 -15.76 5.97 -6.63
CA GLY A 187 -16.06 7.34 -6.48
C GLY A 187 -16.29 7.84 -5.05
N ASN A 188 -16.01 7.03 -4.06
CA ASN A 188 -16.28 7.48 -2.64
C ASN A 188 -15.14 7.09 -1.73
N PHE A 189 -13.94 7.17 -2.21
CA PHE A 189 -12.75 6.85 -1.44
C PHE A 189 -12.43 8.16 -0.68
N LYS A 190 -12.07 8.01 0.60
CA LYS A 190 -11.80 9.16 1.46
C LYS A 190 -10.32 9.22 1.83
N ALA A 191 -9.67 8.13 1.91
CA ALA A 191 -8.25 7.98 2.27
C ALA A 191 -7.62 7.00 1.25
N PHE A 192 -6.35 7.20 1.01
CA PHE A 192 -5.58 6.39 0.09
C PHE A 192 -4.17 6.27 0.66
N LEU A 193 -3.87 5.04 1.11
CA LEU A 193 -2.55 4.75 1.71
C LEU A 193 -1.80 3.67 0.90
N SER A 194 -0.56 3.98 0.64
CA SER A 194 0.35 3.08 -0.11
C SER A 194 1.55 2.80 0.81
N ILE A 195 1.79 1.51 1.02
CA ILE A 195 2.83 1.06 1.90
C ILE A 195 4.08 0.48 1.27
N HIS A 196 5.13 1.06 1.76
CA HIS A 196 6.57 0.79 1.41
C HIS A 196 6.86 0.70 2.94
N SER A 197 7.97 0.23 2.91
CA SER A 197 9.19 -0.23 2.76
C SER A 197 10.59 0.44 2.51
N TYR A 198 11.17 0.72 3.64
CA TYR A 198 12.32 1.23 4.28
C TYR A 198 12.89 2.62 4.10
N SER A 199 13.07 3.17 5.30
CA SER A 199 13.58 4.53 5.59
C SER A 199 12.79 5.21 6.72
N GLN A 200 11.70 4.62 7.14
CA GLN A 200 10.87 5.19 8.20
C GLN A 200 10.37 6.62 8.01
N LEU A 201 9.53 6.77 6.99
CA LEU A 201 8.91 8.03 6.58
C LEU A 201 7.42 8.00 6.43
N LEU A 202 6.81 9.12 6.69
CA LEU A 202 5.36 9.36 6.59
C LEU A 202 5.34 10.60 5.65
N LEU A 203 4.97 10.32 4.42
CA LEU A 203 4.85 11.28 3.33
C LEU A 203 3.46 11.58 2.87
N TYR A 204 3.21 12.84 2.51
CA TYR A 204 1.83 13.21 2.05
C TYR A 204 1.42 13.71 0.86
N PRO A 205 1.08 14.19 -0.20
CA PRO A 205 1.39 14.62 -1.40
C PRO A 205 2.28 15.81 -1.84
N TYR A 206 2.75 15.60 -3.03
CA TYR A 206 3.53 16.08 -4.11
C TYR A 206 5.01 15.73 -4.01
N GLY A 207 5.28 14.88 -5.00
CA GLY A 207 6.71 14.35 -5.23
C GLY A 207 7.11 15.00 -6.56
N TYR A 208 6.12 15.15 -7.42
CA TYR A 208 6.34 15.74 -8.77
C TYR A 208 6.43 17.26 -8.90
N THR A 209 5.91 18.04 -8.01
CA THR A 209 5.95 19.51 -8.06
C THR A 209 6.32 20.09 -6.73
N THR A 210 6.94 21.29 -6.73
CA THR A 210 7.31 21.98 -5.56
C THR A 210 6.11 22.68 -4.92
N GLN A 211 5.04 22.72 -5.68
CA GLN A 211 3.77 23.31 -5.28
C GLN A 211 3.25 22.60 -3.99
N SER A 212 2.83 23.44 -3.06
CA SER A 212 2.27 23.02 -1.79
C SER A 212 0.78 22.73 -1.89
N ILE A 213 0.38 21.59 -1.38
CA ILE A 213 -1.03 21.19 -1.40
C ILE A 213 -1.79 22.14 -0.48
N PRO A 214 -3.03 22.47 -0.88
CA PRO A 214 -3.90 23.34 -0.12
C PRO A 214 -4.19 22.89 1.31
N ASP A 215 -4.19 21.58 1.49
CA ASP A 215 -4.46 20.92 2.75
C ASP A 215 -3.15 20.59 3.56
N LYS A 216 -2.09 21.23 3.23
CA LYS A 216 -0.78 21.02 3.88
C LYS A 216 -0.78 21.11 5.40
N THR A 217 -1.44 22.11 5.98
CA THR A 217 -1.55 22.33 7.41
C THR A 217 -2.18 21.11 8.06
N GLU A 218 -3.31 20.70 7.54
CA GLU A 218 -4.05 19.54 8.04
C GLU A 218 -3.34 18.20 7.87
N LEU A 219 -2.83 17.96 6.70
CA LEU A 219 -2.07 16.72 6.39
C LEU A 219 -0.85 16.59 7.27
N ASN A 220 -0.23 17.71 7.49
CA ASN A 220 0.99 17.78 8.32
C ASN A 220 0.74 17.38 9.76
N GLN A 221 -0.32 17.89 10.35
CA GLN A 221 -0.70 17.54 11.74
C GLN A 221 -1.08 16.08 11.89
N VAL A 222 -1.84 15.57 10.90
CA VAL A 222 -2.25 14.18 10.92
C VAL A 222 -1.01 13.23 10.95
N ALA A 223 -0.09 13.61 10.08
CA ALA A 223 1.19 12.86 9.89
C ALA A 223 1.96 12.91 11.21
N LYS A 224 1.92 14.08 11.85
CA LYS A 224 2.58 14.33 13.13
C LYS A 224 2.05 13.37 14.20
N SER A 225 0.70 13.32 14.25
CA SER A 225 -0.05 12.52 15.18
C SER A 225 0.14 11.01 14.93
N ALA A 226 0.16 10.66 13.68
CA ALA A 226 0.29 9.27 13.20
C ALA A 226 1.67 8.74 13.65
N VAL A 227 2.65 9.60 13.40
CA VAL A 227 4.05 9.26 13.70
C VAL A 227 4.25 9.16 15.25
N ALA A 228 3.52 10.02 15.90
CA ALA A 228 3.57 10.10 17.39
C ALA A 228 3.00 8.77 17.91
N ALA A 229 1.87 8.36 17.39
CA ALA A 229 1.15 7.14 17.73
C ALA A 229 1.99 5.90 17.45
N LEU A 230 2.59 5.82 16.30
CA LEU A 230 3.44 4.71 15.85
C LEU A 230 4.64 4.43 16.73
N LYS A 231 5.32 5.51 17.19
CA LYS A 231 6.49 5.47 18.00
C LYS A 231 6.23 5.07 19.45
N SER A 232 4.98 5.13 19.86
CA SER A 232 4.55 4.74 21.23
C SER A 232 4.75 3.30 21.58
N LEU A 233 4.88 2.41 20.60
CA LEU A 233 5.07 0.97 20.90
C LEU A 233 6.50 0.53 21.15
N TYR A 234 7.38 0.80 20.21
CA TYR A 234 8.80 0.40 20.36
C TYR A 234 9.77 1.52 20.16
N GLY A 235 9.26 2.75 20.08
CA GLY A 235 10.04 3.94 19.87
C GLY A 235 10.67 4.15 18.51
N THR A 236 10.06 3.51 17.52
CA THR A 236 10.54 3.61 16.12
C THR A 236 10.31 5.06 15.64
N SER A 237 11.39 5.65 15.21
CA SER A 237 11.37 7.05 14.76
C SER A 237 11.17 7.22 13.26
N TYR A 238 10.13 8.00 12.93
CA TYR A 238 9.75 8.36 11.58
C TYR A 238 9.86 9.88 11.40
N LYS A 239 10.13 10.20 10.18
CA LYS A 239 10.27 11.57 9.68
C LYS A 239 8.97 11.75 8.88
N TYR A 240 8.50 12.95 8.75
CA TYR A 240 7.30 13.25 7.99
C TYR A 240 7.48 14.60 7.22
N GLY A 241 6.81 14.63 6.10
CA GLY A 241 6.84 15.80 5.23
C GLY A 241 6.27 15.42 3.82
N SER A 242 6.37 16.38 2.93
CA SER A 242 5.89 16.16 1.56
C SER A 242 7.01 15.28 0.92
N ILE A 243 6.70 14.55 -0.11
CA ILE A 243 7.63 13.69 -0.80
C ILE A 243 8.90 14.39 -1.32
N ILE A 244 8.68 15.35 -2.18
CA ILE A 244 9.75 16.18 -2.77
C ILE A 244 10.68 16.86 -1.78
N THR A 245 10.08 17.27 -0.63
CA THR A 245 10.77 17.99 0.43
C THR A 245 11.56 17.08 1.33
N THR A 246 11.05 15.92 1.69
CA THR A 246 11.77 15.00 2.57
C THR A 246 12.73 14.03 1.89
N ILE A 247 12.37 13.57 0.72
CA ILE A 247 13.22 12.61 0.01
C ILE A 247 13.80 13.40 -1.22
N TYR A 248 13.10 13.20 -2.29
CA TYR A 248 13.45 13.81 -3.58
C TYR A 248 12.28 13.83 -4.56
N GLN A 249 12.52 14.47 -5.67
CA GLN A 249 11.44 14.59 -6.72
C GLN A 249 11.26 13.20 -7.28
N ALA A 250 9.98 12.91 -7.47
CA ALA A 250 9.49 11.60 -8.02
C ALA A 250 8.17 11.92 -8.73
N SER A 251 8.10 11.54 -9.95
CA SER A 251 6.88 11.74 -10.78
C SER A 251 6.14 10.45 -10.93
N GLY A 252 4.85 10.54 -11.29
CA GLY A 252 3.98 9.38 -11.50
C GLY A 252 3.71 8.50 -10.28
N GLY A 253 3.70 9.13 -9.14
CA GLY A 253 3.47 8.51 -7.86
C GLY A 253 2.00 8.32 -7.57
N SER A 254 1.72 7.26 -6.86
CA SER A 254 0.40 6.79 -6.40
C SER A 254 -0.41 7.86 -5.66
N ILE A 255 0.22 8.38 -4.62
CA ILE A 255 -0.30 9.38 -3.73
C ILE A 255 -0.57 10.75 -4.38
N ASP A 256 0.21 11.11 -5.36
CA ASP A 256 0.02 12.42 -6.03
C ASP A 256 -1.28 12.34 -6.84
N TRP A 257 -1.43 11.17 -7.48
CA TRP A 257 -2.59 10.90 -8.29
C TRP A 257 -3.87 10.86 -7.50
N SER A 258 -3.91 10.06 -6.42
CA SER A 258 -5.04 9.94 -5.52
C SER A 258 -5.50 11.26 -4.99
N TYR A 259 -4.55 12.14 -4.64
CA TYR A 259 -4.82 13.45 -4.11
C TYR A 259 -5.47 14.29 -5.16
N ASN A 260 -4.93 14.20 -6.38
CA ASN A 260 -5.44 14.94 -7.56
C ASN A 260 -6.86 14.48 -7.91
N GLN A 261 -7.25 13.35 -7.40
CA GLN A 261 -8.58 12.79 -7.66
C GLN A 261 -9.57 13.33 -6.60
N GLY A 262 -9.05 14.06 -5.65
CA GLY A 262 -9.80 14.63 -4.57
C GLY A 262 -9.83 13.83 -3.26
N ILE A 263 -8.94 12.85 -3.21
CA ILE A 263 -8.84 11.96 -2.01
C ILE A 263 -7.76 12.64 -1.18
N LYS A 264 -8.21 13.50 -0.26
CA LYS A 264 -7.42 14.24 0.67
C LYS A 264 -6.40 13.56 1.55
N TYR A 265 -6.81 12.41 2.11
CA TYR A 265 -5.92 11.67 2.99
C TYR A 265 -5.09 10.68 2.21
N SER A 266 -4.12 11.21 1.47
CA SER A 266 -3.19 10.47 0.67
C SER A 266 -1.83 10.53 1.38
N PHE A 267 -1.44 9.37 1.86
CA PHE A 267 -0.16 9.23 2.60
C PHE A 267 0.57 7.91 2.11
N THR A 268 1.87 7.99 2.16
CA THR A 268 2.74 6.91 1.78
C THR A 268 3.61 6.64 3.07
N PHE A 269 3.63 5.35 3.41
CA PHE A 269 4.37 4.91 4.57
C PHE A 269 5.54 4.12 4.02
N GLU A 270 6.68 4.41 4.60
CA GLU A 270 7.98 3.79 4.26
C GLU A 270 8.43 3.14 5.57
N LEU A 271 8.26 1.83 5.69
CA LEU A 271 8.69 1.14 6.93
C LEU A 271 10.17 1.29 6.77
N ARG A 272 10.58 0.61 7.74
CA ARG A 272 10.86 -0.14 8.78
C ARG A 272 12.41 -0.49 8.42
N ASP A 273 13.17 0.06 9.24
CA ASP A 273 14.67 0.05 9.24
C ASP A 273 15.08 1.22 8.35
N THR A 274 16.22 1.74 8.76
CA THR A 274 16.84 2.89 8.11
C THR A 274 18.12 2.50 7.32
N GLY A 275 18.25 1.22 7.05
CA GLY A 275 19.38 0.70 6.33
C GLY A 275 20.12 -0.47 6.88
N ARG A 276 19.96 -0.74 8.18
CA ARG A 276 20.68 -1.85 8.84
C ARG A 276 20.45 -3.13 8.00
N TYR A 277 19.21 -3.45 7.81
CA TYR A 277 18.83 -4.61 7.04
C TYR A 277 18.22 -4.29 5.66
N GLY A 278 17.62 -3.16 5.60
CA GLY A 278 16.99 -2.69 4.32
C GLY A 278 15.77 -3.56 3.94
N PHE A 279 15.72 -3.93 2.67
CA PHE A 279 14.67 -4.74 2.12
C PHE A 279 14.70 -6.18 2.63
N LEU A 280 15.82 -6.53 3.22
CA LEU A 280 16.00 -7.88 3.78
C LEU A 280 15.84 -7.89 5.31
N LEU A 281 14.73 -7.27 5.71
CA LEU A 281 14.34 -7.14 7.15
C LEU A 281 14.10 -8.51 7.73
N PRO A 282 14.70 -8.76 8.88
CA PRO A 282 14.58 -10.04 9.61
C PRO A 282 13.11 -10.32 9.89
N ALA A 283 12.72 -11.58 9.70
CA ALA A 283 11.35 -12.01 9.92
C ALA A 283 10.89 -11.74 11.38
N SER A 284 11.86 -11.64 12.28
CA SER A 284 11.61 -11.36 13.66
C SER A 284 11.08 -9.95 13.89
N GLN A 285 11.15 -9.12 12.88
CA GLN A 285 10.71 -7.73 12.92
C GLN A 285 9.36 -7.49 12.27
N ILE A 286 8.76 -8.55 11.78
CA ILE A 286 7.44 -8.50 11.13
C ILE A 286 6.30 -8.02 12.02
N ILE A 287 6.04 -8.70 13.08
CA ILE A 287 4.99 -8.40 14.05
C ILE A 287 5.10 -6.93 14.58
N PRO A 288 6.24 -6.64 15.16
CA PRO A 288 6.56 -5.37 15.76
C PRO A 288 6.27 -4.22 14.83
N THR A 289 6.68 -4.44 13.56
CA THR A 289 6.48 -3.42 12.49
C THR A 289 5.01 -3.25 12.17
N ALA A 290 4.34 -4.45 12.05
CA ALA A 290 2.93 -4.49 11.75
C ALA A 290 2.17 -3.77 12.88
N GLN A 291 2.47 -4.18 14.09
CA GLN A 291 1.86 -3.62 15.34
C GLN A 291 1.92 -2.11 15.40
N GLU A 292 3.16 -1.58 15.25
CA GLU A 292 3.36 -0.13 15.31
C GLU A 292 2.70 0.59 14.14
N THR A 293 2.91 0.12 12.96
CA THR A 293 2.37 0.67 11.72
C THR A 293 0.87 0.81 11.77
N TRP A 294 0.23 -0.15 12.42
CA TRP A 294 -1.21 -0.17 12.60
C TRP A 294 -1.67 1.06 13.41
N LEU A 295 -0.94 1.41 14.44
CA LEU A 295 -1.23 2.57 15.25
C LEU A 295 -1.28 3.87 14.46
N GLY A 296 -0.39 3.95 13.53
CA GLY A 296 -0.28 5.14 12.64
C GLY A 296 -1.40 5.12 11.63
N VAL A 297 -1.77 3.95 11.17
CA VAL A 297 -2.85 3.81 10.18
C VAL A 297 -4.20 4.14 10.83
N LEU A 298 -4.47 3.59 11.98
CA LEU A 298 -5.70 3.81 12.67
C LEU A 298 -5.91 5.30 13.03
N THR A 299 -4.76 5.94 13.28
CA THR A 299 -4.75 7.40 13.61
C THR A 299 -5.33 8.20 12.45
N ILE A 300 -4.87 7.84 11.27
CA ILE A 300 -5.26 8.50 10.03
C ILE A 300 -6.75 8.18 9.70
N MET A 301 -7.14 6.93 10.00
CA MET A 301 -8.49 6.48 9.73
C MET A 301 -9.49 7.18 10.61
N GLU A 302 -9.09 7.42 11.84
CA GLU A 302 -9.93 8.09 12.84
C GLU A 302 -10.18 9.54 12.42
N HIS A 303 -9.17 10.15 11.86
CA HIS A 303 -9.19 11.56 11.40
C HIS A 303 -10.19 11.64 10.27
N THR A 304 -10.15 10.64 9.42
CA THR A 304 -10.98 10.50 8.24
C THR A 304 -12.48 10.42 8.56
N VAL A 305 -12.81 9.57 9.49
CA VAL A 305 -14.19 9.35 9.91
C VAL A 305 -14.74 10.62 10.58
N ASN A 306 -13.87 11.31 11.17
CA ASN A 306 -14.15 12.58 11.87
C ASN A 306 -14.21 13.85 10.96
N ASN A 307 -13.66 13.73 9.80
CA ASN A 307 -13.66 14.93 8.87
C ASN A 307 -14.22 14.48 7.47
#